data_3VIK
#
_entry.id   3VIK
#
_cell.length_a   92.965
_cell.length_b   68.714
_cell.length_c   75.832
_cell.angle_alpha   90.00
_cell.angle_beta   95.73
_cell.angle_gamma   90.00
#
_symmetry.space_group_name_H-M   'C 1 2 1'
#
loop_
_entity.id
_entity.type
_entity.pdbx_description
1 polymer Beta-glucosidase
2 branched beta-D-glucopyranose-(1-4)-beta-D-glucopyranose
3 non-polymer 1,2-ETHANEDIOL
4 non-polymer 'SODIUM ION'
5 non-polymer 'CHLORIDE ION'
6 water water
#
_entity_poly.entity_id   1
_entity_poly.type   'polypeptide(L)'
_entity_poly.pdbx_seq_one_letter_code
;MDVASSDTVYTFPDEFKLGAATASYQIEGAWDENGKGPNIWDTLTHEHPDYVVDGATGDIADDSYHLYKEDVKILKELGA
QVYRFSISWARVLPEGHDNIVNQDGIDYYNNLINELLANGIEPMVTMYHWDLPQALQDLGGWPNLVLAKYSENYARVLFK
NFGDRVKLWLTFNSPLTFMDGYASEIGMAPSINTPGIGDYLAAHTVIHAHARIYHLYDQEFRAEQGGKVGISLNINWCEP
ATNSAEDRASCENYQQFNLGLYAHPIFTEEGDYPAVLKDRVSRNSADEGYTDSRLPQFTAEEVEYIRGTHDFLGINFYTA
LLGKSGVEGYEPSRYRDSGVILTQDAAWPISASSWLKVVPWGFRKELNWIKNEYNNPPVFITENGFSDYGGLNDTGRVHY
YTEHLKEMLKAIHEDGVNVIGYTAWSLMDNFEWLRGYSEKFGIYAVDFEDPARPRIPKESAKVLAEIMNTRKIPERFRDL
EHHHHHH
;
_entity_poly.pdbx_strand_id   A
#
loop_
_chem_comp.id
_chem_comp.type
_chem_comp.name
_chem_comp.formula
BGC D-saccharide, beta linking beta-D-glucopyranose 'C6 H12 O6'
CL non-polymer 'CHLORIDE ION' 'Cl -1'
EDO non-polymer 1,2-ETHANEDIOL 'C2 H6 O2'
NA non-polymer 'SODIUM ION' 'Na 1'
#
# COMPACT_ATOMS: atom_id res chain seq x y z
N THR A 8 12.41 27.50 -6.60
CA THR A 8 12.08 26.33 -7.47
C THR A 8 11.99 25.01 -6.72
N VAL A 9 12.88 24.81 -5.73
CA VAL A 9 12.90 23.59 -4.94
C VAL A 9 11.63 23.43 -4.10
N TYR A 10 10.84 24.51 -4.00
CA TYR A 10 9.57 24.50 -3.25
C TYR A 10 8.31 24.46 -4.12
N THR A 11 8.48 24.34 -5.44
CA THR A 11 7.36 24.33 -6.38
C THR A 11 7.15 22.96 -7.01
N PHE A 12 5.89 22.52 -7.10
CA PHE A 12 5.59 21.25 -7.75
C PHE A 12 5.69 21.36 -9.27
N PRO A 13 6.26 20.35 -9.95
CA PRO A 13 6.24 20.36 -11.41
C PRO A 13 4.80 20.48 -11.92
N ASP A 14 4.64 21.14 -13.07
CA ASP A 14 3.32 21.43 -13.61
C ASP A 14 2.42 20.22 -13.78
N GLU A 15 2.98 19.09 -14.20
CA GLU A 15 2.20 17.89 -14.47
C GLU A 15 2.03 16.94 -13.27
N PHE A 16 2.69 17.27 -12.17
CA PHE A 16 2.66 16.48 -10.94
C PHE A 16 1.24 16.42 -10.36
N LYS A 17 0.77 15.23 -9.98
CA LYS A 17 -0.61 15.07 -9.51
C LYS A 17 -0.68 14.96 -7.99
N LEU A 18 -1.50 15.78 -7.35
CA LEU A 18 -1.64 15.78 -5.89
C LEU A 18 -3.05 15.36 -5.49
N GLY A 19 -3.16 14.53 -4.45
CA GLY A 19 -4.49 14.13 -3.98
C GLY A 19 -4.43 13.43 -2.64
N ALA A 20 -5.39 12.53 -2.42
CA ALA A 20 -5.52 11.77 -1.17
C ALA A 20 -6.01 10.36 -1.45
N ALA A 21 -5.89 9.47 -0.45
CA ALA A 21 -6.14 8.05 -0.65
C ALA A 21 -6.91 7.40 0.50
N THR A 22 -7.60 6.31 0.17
CA THR A 22 -8.32 5.44 1.12
C THR A 22 -8.20 3.98 0.66
N ALA A 23 -8.80 3.08 1.44
CA ALA A 23 -8.90 1.64 1.14
C ALA A 23 -10.31 1.20 1.50
N SER A 24 -10.82 0.23 0.74
CA SER A 24 -12.21 -0.23 0.84
C SER A 24 -12.64 -0.69 2.23
N TYR A 25 -11.93 -1.64 2.82
CA TYR A 25 -12.38 -2.15 4.11
C TYR A 25 -12.28 -1.06 5.17
N GLN A 26 -11.30 -0.17 5.01
CA GLN A 26 -11.08 0.85 6.02
C GLN A 26 -12.19 1.89 6.07
N ILE A 27 -12.91 2.09 4.98
CA ILE A 27 -13.88 3.18 4.87
C ILE A 27 -15.32 2.80 4.53
N GLU A 28 -15.55 1.70 3.81
CA GLU A 28 -16.85 1.53 3.16
C GLU A 28 -18.02 1.16 4.06
N GLY A 29 -17.78 0.29 5.03
CA GLY A 29 -18.90 -0.35 5.73
C GLY A 29 -19.74 -1.20 4.78
N ALA A 30 -21.04 -1.30 5.06
CA ALA A 30 -21.97 -2.06 4.24
C ALA A 30 -21.39 -3.44 3.94
N TRP A 31 -20.84 -4.10 4.96
CA TRP A 31 -20.02 -5.30 4.80
C TRP A 31 -20.77 -6.51 4.24
N ASP A 32 -22.10 -6.53 4.41
CA ASP A 32 -22.92 -7.61 3.88
C ASP A 32 -24.13 -7.08 3.13
N GLU A 33 -24.06 -5.84 2.67
CA GLU A 33 -25.19 -5.20 2.02
C GLU A 33 -25.25 -5.52 0.53
N ASN A 34 -26.46 -5.69 0.02
CA ASN A 34 -26.73 -5.81 -1.41
C ASN A 34 -25.79 -6.78 -2.12
N GLY A 35 -25.68 -7.98 -1.54
CA GLY A 35 -24.99 -9.09 -2.19
C GLY A 35 -23.49 -9.20 -1.94
N LYS A 36 -22.88 -8.25 -1.24
CA LYS A 36 -21.44 -8.37 -0.99
C LYS A 36 -21.14 -9.64 -0.20
N GLY A 37 -20.13 -10.39 -0.63
CA GLY A 37 -19.68 -11.56 0.09
C GLY A 37 -18.66 -11.25 1.17
N PRO A 38 -18.39 -12.23 2.04
CA PRO A 38 -17.47 -11.99 3.16
C PRO A 38 -16.01 -12.05 2.71
N ASN A 39 -15.21 -11.19 3.33
CA ASN A 39 -13.76 -11.21 3.13
C ASN A 39 -13.04 -11.55 4.43
N ILE A 40 -11.71 -11.66 4.36
CA ILE A 40 -10.92 -12.15 5.49
C ILE A 40 -10.91 -11.14 6.65
N TRP A 41 -11.21 -9.87 6.38
CA TRP A 41 -11.32 -8.86 7.44
C TRP A 41 -12.68 -8.91 8.15
N ASP A 42 -13.76 -9.21 7.41
CA ASP A 42 -15.02 -9.57 8.04
C ASP A 42 -14.78 -10.74 8.98
N THR A 43 -14.08 -11.77 8.52
CA THR A 43 -13.85 -12.95 9.34
C THR A 43 -13.03 -12.63 10.57
N LEU A 44 -11.94 -11.90 10.39
CA LEU A 44 -11.10 -11.56 11.52
C LEU A 44 -11.86 -10.76 12.59
N THR A 45 -12.54 -9.71 12.15
CA THR A 45 -13.16 -8.81 13.13
C THR A 45 -14.38 -9.43 13.78
N HIS A 46 -15.03 -10.39 13.10
CA HIS A 46 -16.19 -11.06 13.65
C HIS A 46 -15.81 -12.24 14.53
N GLU A 47 -14.81 -13.03 14.14
CA GLU A 47 -14.43 -14.24 14.85
C GLU A 47 -13.34 -14.01 15.89
N HIS A 48 -12.52 -12.98 15.69
CA HIS A 48 -11.38 -12.73 16.58
C HIS A 48 -11.32 -11.28 17.04
N PRO A 49 -12.38 -10.80 17.72
CA PRO A 49 -12.32 -9.42 18.21
C PRO A 49 -11.21 -9.18 19.21
N ASP A 50 -10.70 -10.24 19.85
CA ASP A 50 -9.55 -10.15 20.73
C ASP A 50 -8.26 -9.75 20.01
N TYR A 51 -8.24 -9.82 18.67
CA TYR A 51 -7.06 -9.38 17.92
C TYR A 51 -7.06 -7.88 17.66
N VAL A 52 -8.18 -7.20 17.89
CA VAL A 52 -8.37 -5.81 17.46
C VAL A 52 -8.60 -4.91 18.67
N VAL A 53 -7.94 -3.76 18.70
CA VAL A 53 -8.21 -2.77 19.76
C VAL A 53 -9.70 -2.47 19.84
N ASP A 54 -10.23 -2.55 21.04
CA ASP A 54 -11.63 -2.26 21.34
C ASP A 54 -12.59 -3.29 20.73
N GLY A 55 -12.09 -4.38 20.13
CA GLY A 55 -12.96 -5.29 19.40
C GLY A 55 -13.66 -4.60 18.24
N ALA A 56 -13.01 -3.61 17.64
CA ALA A 56 -13.66 -2.84 16.59
C ALA A 56 -13.81 -3.67 15.31
N THR A 57 -14.77 -3.26 14.48
CA THR A 57 -14.95 -3.87 13.18
C THR A 57 -15.09 -2.80 12.12
N GLY A 58 -14.91 -3.23 10.86
CA GLY A 58 -15.24 -2.38 9.73
C GLY A 58 -16.67 -2.52 9.22
N ASP A 59 -17.60 -2.99 10.06
CA ASP A 59 -18.97 -3.19 9.60
C ASP A 59 -19.59 -1.92 9.02
N ILE A 60 -19.30 -0.81 9.67
CA ILE A 60 -19.78 0.50 9.23
C ILE A 60 -18.62 1.42 8.81
N ALA A 61 -17.58 1.50 9.63
CA ALA A 61 -16.42 2.34 9.31
C ALA A 61 -16.88 3.77 9.00
N ASP A 62 -16.43 4.38 7.91
CA ASP A 62 -16.87 5.71 7.50
C ASP A 62 -18.18 5.72 6.73
N ASP A 63 -18.74 4.53 6.50
CA ASP A 63 -19.99 4.39 5.75
C ASP A 63 -19.89 4.97 4.33
N SER A 64 -18.70 4.85 3.74
CA SER A 64 -18.48 5.39 2.40
C SER A 64 -19.23 4.66 1.31
N TYR A 65 -19.72 3.45 1.59
CA TYR A 65 -20.64 2.81 0.66
C TYR A 65 -21.90 3.68 0.46
N HIS A 66 -22.43 4.26 1.54
CA HIS A 66 -23.57 5.16 1.43
C HIS A 66 -23.18 6.62 1.21
N LEU A 67 -22.03 7.04 1.73
CA LEU A 67 -21.65 8.45 1.80
C LEU A 67 -20.59 8.87 0.77
N TYR A 68 -20.43 8.09 -0.30
CA TYR A 68 -19.38 8.40 -1.27
C TYR A 68 -19.50 9.84 -1.83
N LYS A 69 -20.72 10.38 -1.95
CA LYS A 69 -20.85 11.75 -2.45
C LYS A 69 -20.23 12.77 -1.48
N GLU A 70 -20.27 12.47 -0.19
CA GLU A 70 -19.62 13.32 0.81
CA GLU A 70 -19.63 13.32 0.81
C GLU A 70 -18.11 13.23 0.69
N ASP A 71 -17.60 12.07 0.31
CA ASP A 71 -16.16 11.90 0.11
C ASP A 71 -15.72 12.76 -1.08
N VAL A 72 -16.49 12.76 -2.15
CA VAL A 72 -16.16 13.58 -3.32
C VAL A 72 -16.24 15.08 -2.97
N LYS A 73 -17.22 15.46 -2.15
CA LYS A 73 -17.36 16.84 -1.70
CA LYS A 73 -17.37 16.83 -1.68
C LYS A 73 -16.12 17.32 -0.95
N ILE A 74 -15.61 16.51 -0.03
CA ILE A 74 -14.39 16.91 0.68
C ILE A 74 -13.14 16.87 -0.20
N LEU A 75 -13.08 15.93 -1.14
CA LEU A 75 -11.99 15.95 -2.12
C LEU A 75 -11.99 17.22 -2.96
N LYS A 76 -13.18 17.68 -3.36
CA LYS A 76 -13.32 18.90 -4.13
C LYS A 76 -12.89 20.12 -3.31
N GLU A 77 -13.29 20.14 -2.04
CA GLU A 77 -12.90 21.21 -1.10
CA GLU A 77 -12.90 21.23 -1.16
C GLU A 77 -11.39 21.25 -0.93
N LEU A 78 -10.80 20.06 -0.78
CA LEU A 78 -9.36 19.93 -0.63
C LEU A 78 -8.63 20.42 -1.89
N GLY A 79 -9.28 20.28 -3.05
CA GLY A 79 -8.63 20.58 -4.32
C GLY A 79 -7.82 19.42 -4.87
N ALA A 80 -8.13 18.20 -4.45
CA ALA A 80 -7.43 17.02 -4.96
C ALA A 80 -7.58 16.91 -6.48
N GLN A 81 -6.48 16.62 -7.15
CA GLN A 81 -6.50 16.30 -8.58
C GLN A 81 -6.80 14.83 -8.85
N VAL A 82 -6.45 14.00 -7.87
CA VAL A 82 -6.57 12.55 -7.97
CA VAL A 82 -6.54 12.55 -7.95
C VAL A 82 -7.08 12.01 -6.64
N TYR A 83 -7.95 11.00 -6.71
CA TYR A 83 -8.39 10.25 -5.53
C TYR A 83 -8.01 8.78 -5.75
N ARG A 84 -7.16 8.24 -4.89
CA ARG A 84 -6.84 6.81 -4.93
CA ARG A 84 -6.80 6.82 -4.90
C ARG A 84 -7.69 6.06 -3.91
N PHE A 85 -8.45 5.10 -4.41
CA PHE A 85 -9.33 4.28 -3.58
C PHE A 85 -9.16 2.84 -4.04
N SER A 86 -9.58 1.89 -3.22
CA SER A 86 -9.53 0.49 -3.61
C SER A 86 -10.92 -0.08 -3.84
N ILE A 87 -10.95 -1.16 -4.61
CA ILE A 87 -12.16 -1.90 -4.87
C ILE A 87 -12.20 -3.15 -4.01
N SER A 88 -13.35 -3.37 -3.37
CA SER A 88 -13.55 -4.57 -2.56
C SER A 88 -13.87 -5.77 -3.47
N TRP A 89 -12.92 -6.70 -3.53
CA TRP A 89 -13.08 -7.88 -4.39
C TRP A 89 -14.43 -8.57 -4.14
N ALA A 90 -14.78 -8.80 -2.87
CA ALA A 90 -16.00 -9.54 -2.55
C ALA A 90 -17.27 -8.73 -2.74
N ARG A 91 -17.16 -7.41 -2.86
CA ARG A 91 -18.32 -6.63 -3.26
C ARG A 91 -18.64 -6.82 -4.74
N VAL A 92 -17.61 -7.07 -5.56
CA VAL A 92 -17.78 -7.23 -7.02
C VAL A 92 -18.01 -8.70 -7.39
N LEU A 93 -17.20 -9.59 -6.83
CA LEU A 93 -17.28 -11.03 -7.03
C LEU A 93 -17.49 -11.70 -5.66
N PRO A 94 -18.76 -11.86 -5.26
CA PRO A 94 -19.00 -12.27 -3.87
C PRO A 94 -18.44 -13.64 -3.50
N GLU A 95 -18.27 -14.48 -4.52
CA GLU A 95 -17.75 -15.84 -4.36
CA GLU A 95 -17.76 -15.83 -4.34
C GLU A 95 -16.26 -15.92 -4.65
N GLY A 96 -15.65 -14.79 -4.96
CA GLY A 96 -14.21 -14.71 -5.28
C GLY A 96 -13.89 -15.05 -6.72
N HIS A 97 -14.38 -16.20 -7.16
CA HIS A 97 -14.31 -16.64 -8.55
C HIS A 97 -15.22 -15.73 -9.37
N ASP A 98 -15.02 -15.73 -10.70
CA ASP A 98 -15.76 -14.82 -11.54
C ASP A 98 -17.09 -15.31 -12.08
N ASN A 99 -17.66 -16.34 -11.46
CA ASN A 99 -18.94 -16.88 -11.93
C ASN A 99 -20.12 -15.95 -11.68
N ILE A 100 -20.06 -15.19 -10.59
CA ILE A 100 -21.12 -14.25 -10.24
C ILE A 100 -20.52 -12.85 -10.09
N VAL A 101 -21.07 -11.92 -10.87
CA VAL A 101 -20.72 -10.51 -10.76
C VAL A 101 -21.88 -9.80 -10.07
N ASN A 102 -21.60 -9.13 -8.95
CA ASN A 102 -22.62 -8.41 -8.20
C ASN A 102 -22.87 -7.03 -8.81
N GLN A 103 -23.99 -6.85 -9.52
CA GLN A 103 -24.31 -5.59 -10.18
CA GLN A 103 -24.25 -5.57 -10.18
C GLN A 103 -24.31 -4.41 -9.19
N ASP A 104 -24.72 -4.67 -7.96
CA ASP A 104 -24.70 -3.60 -6.95
C ASP A 104 -23.30 -3.05 -6.76
N GLY A 105 -22.30 -3.94 -6.72
CA GLY A 105 -20.92 -3.49 -6.62
C GLY A 105 -20.43 -2.74 -7.84
N ILE A 106 -20.80 -3.23 -9.03
CA ILE A 106 -20.48 -2.51 -10.26
C ILE A 106 -21.08 -1.10 -10.21
N ASP A 107 -22.36 -1.00 -9.84
CA ASP A 107 -23.06 0.26 -9.77
C ASP A 107 -22.39 1.20 -8.78
N TYR A 108 -21.99 0.67 -7.62
CA TYR A 108 -21.40 1.50 -6.59
C TYR A 108 -20.10 2.17 -7.09
N TYR A 109 -19.19 1.36 -7.62
CA TYR A 109 -17.93 1.93 -8.10
C TYR A 109 -18.13 2.83 -9.32
N ASN A 110 -19.06 2.48 -10.19
CA ASN A 110 -19.41 3.40 -11.28
C ASN A 110 -19.90 4.74 -10.77
N ASN A 111 -20.77 4.70 -9.76
CA ASN A 111 -21.29 5.92 -9.17
C ASN A 111 -20.16 6.79 -8.58
N LEU A 112 -19.23 6.16 -7.87
CA LEU A 112 -18.10 6.90 -7.33
C LEU A 112 -17.22 7.48 -8.43
N ILE A 113 -16.86 6.66 -9.42
CA ILE A 113 -16.05 7.13 -10.55
C ILE A 113 -16.71 8.31 -11.27
N ASN A 114 -18.01 8.18 -11.53
CA ASN A 114 -18.73 9.22 -12.26
C ASN A 114 -18.82 10.51 -11.45
N GLU A 115 -19.05 10.37 -10.14
CA GLU A 115 -19.11 11.52 -9.24
C GLU A 115 -17.76 12.25 -9.22
N LEU A 116 -16.67 11.50 -9.15
CA LEU A 116 -15.32 12.07 -9.16
C LEU A 116 -15.10 12.87 -10.45
N LEU A 117 -15.35 12.23 -11.58
CA LEU A 117 -15.15 12.87 -12.86
C LEU A 117 -15.98 14.12 -13.07
N ALA A 118 -17.22 14.10 -12.58
CA ALA A 118 -18.13 15.24 -12.71
C ALA A 118 -17.66 16.43 -11.89
N ASN A 119 -16.77 16.14 -10.93
CA ASN A 119 -16.21 17.14 -10.03
C ASN A 119 -14.75 17.45 -10.34
N GLY A 120 -14.30 17.00 -11.51
CA GLY A 120 -12.94 17.22 -11.98
C GLY A 120 -11.80 16.53 -11.24
N ILE A 121 -12.08 15.38 -10.64
CA ILE A 121 -11.09 14.61 -9.89
C ILE A 121 -10.85 13.27 -10.60
N GLU A 122 -9.59 12.95 -10.84
CA GLU A 122 -9.23 11.70 -11.51
C GLU A 122 -9.25 10.50 -10.56
N PRO A 123 -9.94 9.40 -10.96
CA PRO A 123 -9.88 8.19 -10.15
C PRO A 123 -8.59 7.40 -10.37
N MET A 124 -7.99 6.90 -9.29
CA MET A 124 -6.84 6.00 -9.33
C MET A 124 -7.26 4.79 -8.50
N VAL A 125 -7.27 3.60 -9.12
CA VAL A 125 -7.89 2.44 -8.49
C VAL A 125 -6.88 1.36 -8.12
N THR A 126 -6.90 0.99 -6.84
CA THR A 126 -6.15 -0.14 -6.33
C THR A 126 -7.04 -1.37 -6.35
N MET A 127 -6.61 -2.43 -7.01
CA MET A 127 -7.43 -3.63 -7.10
C MET A 127 -7.49 -4.40 -5.78
N TYR A 128 -6.36 -4.52 -5.11
CA TYR A 128 -6.27 -5.33 -3.91
C TYR A 128 -5.56 -4.58 -2.79
N HIS A 129 -6.35 -4.23 -1.77
CA HIS A 129 -5.86 -3.61 -0.55
C HIS A 129 -6.35 -4.43 0.66
N TRP A 130 -6.05 -5.73 0.62
CA TRP A 130 -5.95 -6.64 1.78
C TRP A 130 -7.24 -7.40 2.07
N ASP A 131 -8.31 -7.14 1.32
CA ASP A 131 -9.63 -7.71 1.62
C ASP A 131 -10.00 -8.91 0.73
N LEU A 132 -9.21 -9.98 0.86
CA LEU A 132 -9.42 -11.21 0.07
C LEU A 132 -10.78 -11.84 0.38
N PRO A 133 -11.55 -12.25 -0.64
CA PRO A 133 -12.76 -13.03 -0.36
C PRO A 133 -12.46 -14.26 0.49
N GLN A 134 -13.31 -14.54 1.48
CA GLN A 134 -13.08 -15.71 2.33
C GLN A 134 -13.08 -17.03 1.55
N ALA A 135 -13.89 -17.09 0.49
CA ALA A 135 -13.93 -18.32 -0.31
C ALA A 135 -12.57 -18.67 -0.90
N LEU A 136 -11.73 -17.66 -1.17
CA LEU A 136 -10.38 -17.89 -1.71
C LEU A 136 -9.39 -18.17 -0.61
N GLN A 137 -9.55 -17.52 0.55
CA GLN A 137 -8.74 -17.88 1.72
C GLN A 137 -8.96 -19.34 2.10
N ASP A 138 -10.17 -19.86 1.91
CA ASP A 138 -10.45 -21.24 2.26
C ASP A 138 -9.72 -22.27 1.41
N LEU A 139 -9.16 -21.85 0.28
CA LEU A 139 -8.25 -22.69 -0.52
C LEU A 139 -6.80 -22.57 -0.05
N GLY A 140 -6.56 -21.74 0.96
CA GLY A 140 -5.23 -21.42 1.44
C GLY A 140 -4.87 -19.96 1.25
N GLY A 141 -5.62 -19.22 0.44
CA GLY A 141 -5.28 -17.83 0.24
C GLY A 141 -3.99 -17.66 -0.56
N TRP A 142 -3.28 -16.58 -0.28
CA TRP A 142 -2.13 -16.19 -1.11
C TRP A 142 -1.04 -17.26 -1.24
N PRO A 143 -0.76 -18.11 -0.24
CA PRO A 143 0.23 -19.17 -0.45
C PRO A 143 -0.13 -20.17 -1.56
N ASN A 144 -1.40 -20.19 -1.99
CA ASN A 144 -1.85 -21.11 -3.04
C ASN A 144 -1.81 -20.39 -4.37
N LEU A 145 -0.92 -20.85 -5.26
CA LEU A 145 -0.68 -20.22 -6.55
C LEU A 145 -1.92 -20.17 -7.45
N VAL A 146 -2.93 -20.99 -7.18
CA VAL A 146 -4.15 -20.90 -7.96
C VAL A 146 -4.76 -19.50 -7.95
N LEU A 147 -4.46 -18.72 -6.90
CA LEU A 147 -4.97 -17.36 -6.80
C LEU A 147 -4.45 -16.42 -7.88
N ALA A 148 -3.34 -16.76 -8.55
CA ALA A 148 -2.87 -15.88 -9.62
C ALA A 148 -3.87 -15.77 -10.77
N LYS A 149 -4.41 -16.93 -11.21
CA LYS A 149 -5.44 -16.89 -12.25
C LYS A 149 -6.72 -16.25 -11.74
N TYR A 150 -7.09 -16.51 -10.48
CA TYR A 150 -8.29 -15.88 -9.93
C TYR A 150 -8.16 -14.34 -9.93
N SER A 151 -6.94 -13.88 -9.65
CA SER A 151 -6.65 -12.44 -9.67
C SER A 151 -6.74 -11.84 -11.06
N GLU A 152 -6.23 -12.56 -12.06
CA GLU A 152 -6.41 -12.16 -13.44
C GLU A 152 -7.89 -11.97 -13.78
N ASN A 153 -8.69 -12.96 -13.37
CA ASN A 153 -10.11 -12.91 -13.72
C ASN A 153 -10.85 -11.76 -13.05
N TYR A 154 -10.47 -11.48 -11.80
CA TYR A 154 -10.96 -10.31 -11.07
C TYR A 154 -10.63 -8.99 -11.82
N ALA A 155 -9.34 -8.88 -12.15
CA ALA A 155 -8.86 -7.71 -12.89
C ALA A 155 -9.60 -7.53 -14.21
N ARG A 156 -9.91 -8.62 -14.93
CA ARG A 156 -10.66 -8.48 -16.17
C ARG A 156 -12.02 -7.81 -15.99
N VAL A 157 -12.73 -8.21 -14.94
CA VAL A 157 -14.01 -7.60 -14.60
C VAL A 157 -13.82 -6.11 -14.32
N LEU A 158 -12.75 -5.75 -13.61
CA LEU A 158 -12.49 -4.32 -13.33
C LEU A 158 -12.17 -3.52 -14.58
N PHE A 159 -11.28 -4.07 -15.41
CA PHE A 159 -10.90 -3.37 -16.64
C PHE A 159 -12.12 -3.20 -17.55
N LYS A 160 -12.90 -4.28 -17.73
CA LYS A 160 -14.08 -4.26 -18.57
C LYS A 160 -15.10 -3.22 -18.15
N ASN A 161 -15.36 -3.15 -16.84
CA ASN A 161 -16.42 -2.30 -16.35
C ASN A 161 -16.04 -0.84 -16.15
N PHE A 162 -14.78 -0.62 -15.75
CA PHE A 162 -14.35 0.71 -15.30
C PHE A 162 -13.25 1.36 -16.14
N GLY A 163 -12.58 0.57 -16.97
CA GLY A 163 -11.37 1.03 -17.66
C GLY A 163 -11.60 2.06 -18.75
N ASP A 164 -12.84 2.27 -19.17
CA ASP A 164 -13.13 3.36 -20.06
C ASP A 164 -12.93 4.72 -19.39
N ARG A 165 -13.04 4.76 -18.07
CA ARG A 165 -12.93 6.02 -17.31
C ARG A 165 -11.74 6.00 -16.34
N VAL A 166 -11.21 4.84 -15.98
CA VAL A 166 -10.07 4.76 -15.06
C VAL A 166 -8.82 4.51 -15.88
N LYS A 167 -7.84 5.40 -15.72
CA LYS A 167 -6.60 5.37 -16.51
C LYS A 167 -5.36 5.14 -15.63
N LEU A 168 -5.57 4.98 -14.32
CA LEU A 168 -4.49 4.71 -13.38
C LEU A 168 -4.90 3.57 -12.48
N TRP A 169 -4.10 2.50 -12.50
CA TRP A 169 -4.37 1.27 -11.75
C TRP A 169 -3.18 0.84 -10.94
N LEU A 170 -3.44 0.30 -9.74
CA LEU A 170 -2.44 -0.43 -8.97
C LEU A 170 -3.02 -1.82 -8.77
N THR A 171 -2.21 -2.83 -9.02
CA THR A 171 -2.66 -4.20 -8.82
C THR A 171 -2.82 -4.46 -7.31
N PHE A 172 -1.71 -4.38 -6.59
CA PHE A 172 -1.61 -4.70 -5.17
C PHE A 172 -1.12 -3.50 -4.37
N ASN A 173 -1.56 -3.44 -3.12
CA ASN A 173 -1.08 -2.45 -2.17
C ASN A 173 -0.33 -3.10 -1.02
N SER A 174 0.92 -2.68 -0.80
CA SER A 174 1.70 -3.10 0.35
C SER A 174 1.70 -4.62 0.60
N PRO A 175 2.08 -5.42 -0.41
CA PRO A 175 2.16 -6.88 -0.17
C PRO A 175 3.22 -7.26 0.86
N LEU A 176 4.27 -6.44 1.05
CA LEU A 176 5.21 -6.71 2.14
C LEU A 176 4.47 -6.77 3.49
N THR A 177 3.49 -5.90 3.65
CA THR A 177 2.67 -5.91 4.88
C THR A 177 1.67 -7.07 4.86
N PHE A 178 0.86 -7.20 3.81
CA PHE A 178 -0.20 -8.21 3.87
C PHE A 178 0.30 -9.64 3.85
N MET A 179 1.50 -9.89 3.29
CA MET A 179 2.08 -11.23 3.39
C MET A 179 2.30 -11.63 4.86
N ASP A 180 2.44 -10.65 5.76
CA ASP A 180 2.65 -10.96 7.15
CA ASP A 180 2.62 -10.91 7.19
C ASP A 180 1.39 -11.54 7.82
N GLY A 181 0.27 -11.47 7.13
CA GLY A 181 -0.92 -12.20 7.58
C GLY A 181 -0.76 -13.69 7.59
N TYR A 182 0.33 -14.19 6.97
CA TYR A 182 0.70 -15.59 6.95
C TYR A 182 1.91 -15.87 7.85
N ALA A 183 2.24 -14.91 8.74
CA ALA A 183 3.37 -15.05 9.62
C ALA A 183 3.06 -14.89 11.12
N SER A 184 1.79 -14.95 11.51
CA SER A 184 1.40 -14.87 12.92
C SER A 184 -0.02 -15.39 13.11
N GLU A 185 -0.24 -16.14 14.19
CA GLU A 185 -1.59 -16.60 14.51
C GLU A 185 -2.52 -15.50 15.02
N ILE A 186 -1.98 -14.38 15.48
CA ILE A 186 -2.80 -13.31 16.07
C ILE A 186 -2.73 -11.99 15.29
N GLY A 187 -2.15 -12.03 14.10
CA GLY A 187 -1.86 -10.81 13.37
C GLY A 187 -2.90 -10.47 12.33
N MET A 188 -2.44 -9.70 11.34
CA MET A 188 -3.20 -9.28 10.15
CA MET A 188 -3.37 -9.27 10.31
C MET A 188 -3.95 -10.46 9.56
N ALA A 189 -5.13 -10.22 8.97
CA ALA A 189 -5.87 -11.30 8.33
C ALA A 189 -5.00 -11.95 7.23
N PRO A 190 -5.05 -13.28 7.09
CA PRO A 190 -5.96 -14.24 7.75
C PRO A 190 -5.40 -14.86 9.04
N SER A 191 -4.38 -14.24 9.63
CA SER A 191 -3.89 -14.63 10.95
C SER A 191 -3.43 -16.08 10.99
N ILE A 192 -2.57 -16.42 10.02
CA ILE A 192 -2.00 -17.75 9.87
C ILE A 192 -0.54 -17.74 10.30
N ASN A 193 -0.17 -18.70 11.11
CA ASN A 193 1.18 -18.78 11.67
C ASN A 193 2.15 -19.64 10.85
N THR A 194 2.57 -19.15 9.70
CA THR A 194 3.56 -19.83 8.86
C THR A 194 4.74 -18.93 8.52
N PRO A 195 5.36 -18.29 9.53
CA PRO A 195 6.46 -17.39 9.25
C PRO A 195 7.61 -18.09 8.54
N GLY A 196 8.24 -17.39 7.59
CA GLY A 196 9.39 -17.93 6.89
C GLY A 196 9.09 -19.02 5.87
N ILE A 197 7.79 -19.32 5.67
CA ILE A 197 7.36 -20.40 4.78
C ILE A 197 6.14 -19.92 3.98
N GLY A 198 5.01 -19.69 4.67
CA GLY A 198 3.80 -19.27 4.01
C GLY A 198 3.79 -17.85 3.52
N ASP A 199 4.47 -16.96 4.26
CA ASP A 199 4.61 -15.59 3.79
C ASP A 199 5.40 -15.50 2.48
N TYR A 200 6.50 -16.26 2.36
CA TYR A 200 7.20 -16.32 1.07
C TYR A 200 6.31 -16.89 -0.03
N LEU A 201 5.53 -17.92 0.26
CA LEU A 201 4.62 -18.43 -0.77
C LEU A 201 3.61 -17.38 -1.18
N ALA A 202 3.08 -16.64 -0.20
CA ALA A 202 2.14 -15.57 -0.52
C ALA A 202 2.76 -14.54 -1.47
N ALA A 203 3.98 -14.09 -1.15
CA ALA A 203 4.69 -13.14 -2.03
C ALA A 203 4.83 -13.67 -3.46
N HIS A 204 5.17 -14.95 -3.55
CA HIS A 204 5.37 -15.59 -4.86
C HIS A 204 4.09 -15.52 -5.69
N THR A 205 2.98 -15.90 -5.06
CA THR A 205 1.71 -15.82 -5.75
C THR A 205 1.37 -14.40 -6.15
N VAL A 206 1.56 -13.43 -5.25
CA VAL A 206 1.24 -12.05 -5.57
C VAL A 206 2.03 -11.54 -6.78
N ILE A 207 3.32 -11.89 -6.83
CA ILE A 207 4.15 -11.46 -7.96
C ILE A 207 3.61 -12.07 -9.27
N HIS A 208 3.31 -13.37 -9.23
CA HIS A 208 2.69 -14.02 -10.40
C HIS A 208 1.37 -13.35 -10.79
N ALA A 209 0.53 -13.07 -9.79
CA ALA A 209 -0.76 -12.44 -10.05
C ALA A 209 -0.60 -11.07 -10.70
N HIS A 210 0.27 -10.23 -10.11
CA HIS A 210 0.54 -8.91 -10.67
C HIS A 210 0.92 -9.01 -12.16
N ALA A 211 1.84 -9.94 -12.43
CA ALA A 211 2.34 -10.12 -13.82
C ALA A 211 1.21 -10.56 -14.74
N ARG A 212 0.35 -11.47 -14.29
CA ARG A 212 -0.79 -11.87 -15.11
C ARG A 212 -1.70 -10.69 -15.38
N ILE A 213 -1.93 -9.83 -14.37
CA ILE A 213 -2.81 -8.69 -14.56
C ILE A 213 -2.24 -7.69 -15.57
N TYR A 214 -0.94 -7.43 -15.47
CA TYR A 214 -0.30 -6.51 -16.42
C TYR A 214 -0.36 -7.04 -17.85
N HIS A 215 -0.05 -8.32 -18.03
CA HIS A 215 -0.15 -8.92 -19.36
C HIS A 215 -1.59 -8.90 -19.88
N LEU A 216 -2.55 -9.17 -19.00
CA LEU A 216 -3.96 -9.04 -19.34
C LEU A 216 -4.29 -7.66 -19.89
N TYR A 217 -3.83 -6.61 -19.21
CA TYR A 217 -4.08 -5.25 -19.67
C TYR A 217 -3.48 -5.07 -21.07
N ASP A 218 -2.23 -5.48 -21.24
CA ASP A 218 -1.61 -5.39 -22.56
C ASP A 218 -2.42 -6.09 -23.65
N GLN A 219 -2.91 -7.28 -23.35
CA GLN A 219 -3.56 -8.14 -24.34
CA GLN A 219 -3.54 -8.11 -24.37
C GLN A 219 -4.99 -7.73 -24.65
N GLU A 220 -5.74 -7.39 -23.61
CA GLU A 220 -7.18 -7.24 -23.73
C GLU A 220 -7.70 -5.79 -23.64
N PHE A 221 -6.91 -4.83 -23.15
CA PHE A 221 -7.46 -3.49 -22.83
C PHE A 221 -6.64 -2.25 -23.21
N ARG A 222 -5.32 -2.35 -23.22
CA ARG A 222 -4.47 -1.16 -23.33
C ARG A 222 -4.72 -0.36 -24.61
N ALA A 223 -4.80 -1.05 -25.73
CA ALA A 223 -5.00 -0.35 -27.00
C ALA A 223 -6.23 0.55 -27.00
N GLU A 224 -7.32 0.07 -26.41
CA GLU A 224 -8.57 0.81 -26.36
C GLU A 224 -8.59 1.85 -25.23
N GLN A 225 -8.02 1.48 -24.09
CA GLN A 225 -8.21 2.29 -22.89
C GLN A 225 -7.09 3.28 -22.61
N GLY A 226 -5.85 2.93 -22.98
CA GLY A 226 -4.72 3.86 -22.93
C GLY A 226 -4.28 4.31 -21.54
N GLY A 227 -4.52 3.48 -20.54
CA GLY A 227 -4.15 3.79 -19.16
C GLY A 227 -2.81 3.19 -18.76
N LYS A 228 -2.52 3.25 -17.46
CA LYS A 228 -1.26 2.82 -16.90
CA LYS A 228 -1.26 2.77 -16.94
C LYS A 228 -1.50 1.89 -15.72
N VAL A 229 -0.70 0.85 -15.59
CA VAL A 229 -0.80 -0.13 -14.52
C VAL A 229 0.52 -0.21 -13.75
N GLY A 230 0.43 -0.01 -12.43
CA GLY A 230 1.57 -0.20 -11.54
C GLY A 230 1.24 -1.10 -10.36
N ILE A 231 2.14 -1.10 -9.37
CA ILE A 231 1.96 -1.84 -8.12
C ILE A 231 2.47 -0.90 -7.03
N SER A 232 1.87 -0.95 -5.84
CA SER A 232 2.28 -0.08 -4.73
C SER A 232 2.99 -0.88 -3.67
N LEU A 233 4.27 -0.55 -3.47
CA LEU A 233 5.14 -1.22 -2.54
C LEU A 233 5.45 -0.30 -1.37
N ASN A 234 5.29 -0.82 -0.15
CA ASN A 234 5.72 -0.12 1.05
C ASN A 234 7.16 -0.46 1.39
N ILE A 235 7.87 0.52 1.92
CA ILE A 235 9.26 0.35 2.31
C ILE A 235 9.61 1.45 3.31
N ASN A 236 10.29 1.02 4.37
CA ASN A 236 10.90 1.90 5.36
C ASN A 236 12.35 2.18 4.94
N TRP A 237 12.83 3.40 5.16
CA TRP A 237 14.25 3.64 5.04
C TRP A 237 14.97 2.89 6.18
N CYS A 238 16.17 2.37 5.93
CA CYS A 238 16.96 1.69 6.95
C CYS A 238 18.33 2.37 6.98
N GLU A 239 18.55 3.13 8.04
CA GLU A 239 19.77 3.91 8.20
C GLU A 239 20.83 3.12 8.96
N PRO A 240 22.07 3.11 8.46
CA PRO A 240 23.10 2.38 9.20
C PRO A 240 23.26 2.93 10.62
N ALA A 241 23.26 2.04 11.61
CA ALA A 241 23.38 2.48 12.99
C ALA A 241 24.71 3.20 13.23
N THR A 242 25.76 2.74 12.57
CA THR A 242 27.06 3.41 12.52
C THR A 242 27.50 3.45 11.05
N ASN A 243 28.56 4.19 10.73
CA ASN A 243 29.08 4.27 9.36
C ASN A 243 29.89 3.06 8.86
N SER A 244 29.87 1.96 9.59
CA SER A 244 30.71 0.85 9.19
C SER A 244 30.18 0.20 7.90
N ALA A 245 31.11 -0.39 7.17
CA ALA A 245 30.75 -1.20 6.00
C ALA A 245 29.77 -2.33 6.36
N GLU A 246 29.96 -2.96 7.52
CA GLU A 246 29.11 -4.04 8.00
CA GLU A 246 29.08 -4.05 7.94
C GLU A 246 27.68 -3.56 8.25
N ASP A 247 27.54 -2.38 8.85
CA ASP A 247 26.21 -1.84 9.07
C ASP A 247 25.54 -1.40 7.76
N ARG A 248 26.34 -0.84 6.86
CA ARG A 248 25.81 -0.52 5.54
C ARG A 248 25.33 -1.79 4.82
N ALA A 249 26.08 -2.88 4.94
CA ALA A 249 25.67 -4.15 4.31
C ALA A 249 24.32 -4.60 4.85
N SER A 250 24.11 -4.44 6.15
CA SER A 250 22.85 -4.87 6.80
C SER A 250 21.67 -4.06 6.28
N CYS A 251 21.88 -2.77 6.02
CA CYS A 251 20.84 -1.91 5.46
C CYS A 251 20.50 -2.24 4.01
N GLU A 252 21.51 -2.59 3.22
CA GLU A 252 21.27 -3.10 1.87
C GLU A 252 20.48 -4.40 1.93
N ASN A 253 20.84 -5.30 2.85
CA ASN A 253 20.03 -6.50 3.09
C ASN A 253 18.57 -6.11 3.33
N TYR A 254 18.36 -5.12 4.19
CA TYR A 254 17.00 -4.70 4.51
C TYR A 254 16.26 -4.28 3.25
N GLN A 255 16.88 -3.41 2.45
CA GLN A 255 16.20 -2.95 1.24
C GLN A 255 15.86 -4.12 0.33
N GLN A 256 16.79 -5.05 0.17
CA GLN A 256 16.55 -6.18 -0.74
C GLN A 256 15.48 -7.14 -0.22
N PHE A 257 15.44 -7.36 1.09
CA PHE A 257 14.48 -8.29 1.69
C PHE A 257 13.08 -7.71 1.78
N ASN A 258 12.95 -6.39 1.72
CA ASN A 258 11.68 -5.71 1.96
C ASN A 258 11.10 -5.10 0.68
N LEU A 259 11.89 -4.28 0.00
CA LEU A 259 11.49 -3.71 -1.28
C LEU A 259 11.89 -4.63 -2.45
N GLY A 260 13.12 -5.13 -2.43
CA GLY A 260 13.64 -5.92 -3.55
C GLY A 260 12.91 -7.24 -3.75
N LEU A 261 12.36 -7.80 -2.67
CA LEU A 261 11.56 -9.02 -2.76
CA LEU A 261 11.53 -9.01 -2.73
C LEU A 261 10.50 -8.90 -3.87
N TYR A 262 9.82 -7.76 -3.95
CA TYR A 262 8.80 -7.48 -4.95
C TYR A 262 9.37 -6.74 -6.17
N ALA A 263 10.26 -5.77 -5.93
CA ALA A 263 10.67 -4.88 -7.01
C ALA A 263 11.76 -5.50 -7.90
N HIS A 264 12.62 -6.35 -7.36
CA HIS A 264 13.64 -6.96 -8.23
C HIS A 264 13.02 -7.81 -9.35
N PRO A 265 12.00 -8.63 -9.04
CA PRO A 265 11.42 -9.43 -10.12
C PRO A 265 10.74 -8.58 -11.21
N ILE A 266 10.19 -7.42 -10.86
CA ILE A 266 9.35 -6.64 -11.77
C ILE A 266 10.14 -5.52 -12.44
N PHE A 267 10.95 -4.77 -11.68
CA PHE A 267 11.47 -3.47 -12.12
C PHE A 267 12.92 -3.50 -12.61
N THR A 268 13.61 -4.64 -12.50
CA THR A 268 14.96 -4.73 -13.02
C THR A 268 14.97 -5.40 -14.39
N GLU A 269 16.05 -5.16 -15.14
CA GLU A 269 16.25 -5.87 -16.41
C GLU A 269 16.47 -7.36 -16.23
N GLU A 270 17.11 -7.72 -15.12
CA GLU A 270 17.42 -9.12 -14.82
C GLU A 270 16.22 -9.91 -14.37
N GLY A 271 15.34 -9.27 -13.60
CA GLY A 271 14.24 -9.97 -12.95
C GLY A 271 14.72 -10.94 -11.87
N ASP A 272 13.83 -11.84 -11.47
CA ASP A 272 14.04 -12.79 -10.37
C ASP A 272 14.11 -12.06 -9.03
N TYR A 273 14.13 -12.84 -7.95
CA TYR A 273 14.40 -12.29 -6.63
C TYR A 273 15.84 -11.78 -6.55
N PRO A 274 16.12 -10.84 -5.64
CA PRO A 274 17.52 -10.46 -5.38
C PRO A 274 18.38 -11.65 -4.99
N ALA A 275 19.61 -11.67 -5.48
CA ALA A 275 20.54 -12.74 -5.14
C ALA A 275 20.68 -12.93 -3.63
N VAL A 276 20.75 -11.84 -2.87
CA VAL A 276 20.98 -11.99 -1.43
C VAL A 276 19.79 -12.70 -0.76
N LEU A 277 18.59 -12.48 -1.28
CA LEU A 277 17.41 -13.16 -0.75
CA LEU A 277 17.41 -13.14 -0.75
C LEU A 277 17.51 -14.65 -1.05
N LYS A 278 17.76 -15.01 -2.30
CA LYS A 278 17.89 -16.41 -2.67
C LYS A 278 18.99 -17.11 -1.86
N ASP A 279 20.15 -16.47 -1.77
CA ASP A 279 21.31 -17.10 -1.17
C ASP A 279 21.15 -17.26 0.35
N ARG A 280 20.68 -16.20 1.03
CA ARG A 280 20.55 -16.30 2.49
C ARG A 280 19.49 -17.32 2.89
N VAL A 281 18.36 -17.32 2.20
CA VAL A 281 17.32 -18.31 2.54
C VAL A 281 17.78 -19.72 2.22
N SER A 282 18.48 -19.92 1.10
CA SER A 282 19.01 -21.24 0.76
CA SER A 282 18.93 -21.28 0.82
C SER A 282 19.94 -21.77 1.86
N ARG A 283 20.88 -20.92 2.27
CA ARG A 283 21.85 -21.32 3.28
C ARG A 283 21.14 -21.62 4.61
N ASN A 284 20.26 -20.73 5.03
CA ASN A 284 19.57 -20.93 6.31
C ASN A 284 18.72 -22.20 6.27
N SER A 285 18.04 -22.44 5.15
CA SER A 285 17.21 -23.65 5.03
C SER A 285 18.05 -24.91 5.14
N ALA A 286 19.18 -24.92 4.44
CA ALA A 286 20.08 -26.05 4.52
C ALA A 286 20.58 -26.30 5.94
N ASP A 287 21.01 -25.22 6.59
CA ASP A 287 21.54 -25.30 7.96
C ASP A 287 20.51 -25.83 8.96
N GLU A 288 19.25 -25.56 8.70
CA GLU A 288 18.20 -26.00 9.60
C GLU A 288 17.59 -27.33 9.21
N GLY A 289 18.12 -27.98 8.18
CA GLY A 289 17.80 -29.38 7.90
C GLY A 289 16.78 -29.58 6.78
N TYR A 290 16.27 -28.52 6.17
CA TYR A 290 15.29 -28.68 5.08
C TYR A 290 15.98 -29.27 3.86
N THR A 291 15.32 -30.22 3.21
CA THR A 291 15.78 -30.68 1.91
C THR A 291 15.71 -29.55 0.87
N ASP A 292 14.64 -28.76 0.91
CA ASP A 292 14.39 -27.70 -0.06
C ASP A 292 14.44 -26.33 0.59
N SER A 293 14.95 -25.35 -0.15
CA SER A 293 14.91 -23.98 0.34
C SER A 293 13.47 -23.57 0.64
N ARG A 294 13.31 -22.80 1.73
CA ARG A 294 12.02 -22.21 2.04
C ARG A 294 11.59 -21.12 1.05
N LEU A 295 12.52 -20.62 0.23
CA LEU A 295 12.15 -19.60 -0.74
C LEU A 295 11.69 -20.27 -2.05
N PRO A 296 10.46 -19.98 -2.52
CA PRO A 296 10.03 -20.56 -3.80
C PRO A 296 10.88 -20.01 -4.95
N GLN A 297 10.90 -20.73 -6.05
CA GLN A 297 11.72 -20.41 -7.22
C GLN A 297 10.87 -20.04 -8.42
N PHE A 298 11.40 -19.12 -9.23
CA PHE A 298 10.87 -18.84 -10.57
C PHE A 298 11.67 -19.62 -11.60
N THR A 299 11.00 -20.20 -12.58
CA THR A 299 11.73 -20.74 -13.73
C THR A 299 12.24 -19.58 -14.59
N ALA A 300 13.13 -19.87 -15.54
CA ALA A 300 13.62 -18.84 -16.44
C ALA A 300 12.48 -18.22 -17.24
N GLU A 301 11.51 -19.03 -17.67
CA GLU A 301 10.37 -18.51 -18.41
C GLU A 301 9.55 -17.56 -17.55
N GLU A 302 9.34 -17.91 -16.29
CA GLU A 302 8.59 -17.05 -15.37
C GLU A 302 9.34 -15.74 -15.11
N VAL A 303 10.66 -15.81 -14.94
CA VAL A 303 11.48 -14.61 -14.75
C VAL A 303 11.23 -13.63 -15.91
N GLU A 304 11.27 -14.14 -17.14
CA GLU A 304 11.05 -13.29 -18.30
C GLU A 304 9.63 -12.74 -18.37
N TYR A 305 8.66 -13.56 -17.99
CA TYR A 305 7.26 -13.12 -18.02
C TYR A 305 7.02 -11.98 -17.02
N ILE A 306 7.61 -12.10 -15.85
CA ILE A 306 7.36 -11.15 -14.75
C ILE A 306 8.12 -9.84 -14.92
N ARG A 307 9.38 -9.91 -15.38
CA ARG A 307 10.14 -8.68 -15.50
C ARG A 307 9.53 -7.74 -16.55
N GLY A 308 9.52 -6.45 -16.24
CA GLY A 308 8.99 -5.44 -17.15
C GLY A 308 7.50 -5.18 -17.03
N THR A 309 6.83 -5.82 -16.07
CA THR A 309 5.38 -5.67 -15.95
C THR A 309 5.00 -4.41 -15.16
N HIS A 310 5.32 -3.24 -15.71
CA HIS A 310 5.06 -2.00 -14.99
C HIS A 310 5.01 -0.80 -15.92
N ASP A 311 4.11 0.13 -15.62
CA ASP A 311 4.10 1.46 -16.23
C ASP A 311 4.59 2.54 -15.27
N PHE A 312 4.65 2.22 -13.98
CA PHE A 312 5.16 3.12 -12.95
C PHE A 312 5.27 2.27 -11.69
N LEU A 313 5.96 2.83 -10.70
CA LEU A 313 6.12 2.25 -9.38
C LEU A 313 5.34 3.09 -8.37
N GLY A 314 4.41 2.48 -7.64
CA GLY A 314 3.77 3.11 -6.49
C GLY A 314 4.59 2.88 -5.24
N ILE A 315 4.76 3.93 -4.44
CA ILE A 315 5.50 3.80 -3.19
C ILE A 315 4.64 4.27 -2.01
N ASN A 316 4.62 3.43 -0.97
CA ASN A 316 3.98 3.76 0.30
C ASN A 316 5.11 3.95 1.31
N PHE A 317 5.26 5.20 1.77
CA PHE A 317 6.37 5.55 2.66
C PHE A 317 5.86 6.23 3.93
N TYR A 318 6.38 5.78 5.05
CA TYR A 318 5.99 6.32 6.36
C TYR A 318 7.13 6.69 7.28
N THR A 319 8.21 5.90 7.31
CA THR A 319 9.14 5.97 8.42
C THR A 319 10.49 5.37 8.08
N ALA A 320 11.38 5.38 9.08
CA ALA A 320 12.70 4.78 9.01
C ALA A 320 12.99 3.92 10.23
N LEU A 321 13.99 3.05 10.07
CA LEU A 321 14.59 2.24 11.13
C LEU A 321 16.10 2.45 11.10
N LEU A 322 16.77 2.05 12.17
CA LEU A 322 18.22 1.88 12.20
C LEU A 322 18.55 0.40 11.99
N GLY A 323 19.57 0.13 11.19
CA GLY A 323 20.03 -1.24 10.97
C GLY A 323 21.48 -1.42 11.32
N LYS A 324 21.78 -2.53 11.97
CA LYS A 324 23.15 -2.91 12.25
C LYS A 324 23.38 -4.36 11.88
N SER A 325 24.66 -4.67 11.69
CA SER A 325 25.07 -6.02 11.31
C SER A 325 24.68 -7.03 12.38
N GLY A 326 24.17 -8.18 11.95
CA GLY A 326 23.78 -9.24 12.85
C GLY A 326 22.53 -9.94 12.35
N VAL A 327 22.09 -10.89 13.17
CA VAL A 327 20.92 -11.72 12.87
C VAL A 327 20.10 -11.81 14.15
N GLU A 328 18.80 -11.53 14.04
CA GLU A 328 17.92 -11.89 15.16
C GLU A 328 16.53 -12.21 14.63
N GLY A 329 15.65 -12.65 15.53
CA GLY A 329 14.34 -13.10 15.15
C GLY A 329 14.19 -14.60 15.30
N TYR A 330 12.95 -15.07 15.18
CA TYR A 330 12.66 -16.48 15.33
C TYR A 330 13.04 -17.28 14.09
N GLU A 331 13.37 -18.56 14.29
CA GLU A 331 13.67 -19.48 13.20
C GLU A 331 12.45 -20.36 12.95
N PRO A 332 11.89 -20.34 11.73
CA PRO A 332 12.23 -19.51 10.59
C PRO A 332 11.43 -18.21 10.55
N SER A 333 11.99 -17.17 9.97
CA SER A 333 11.23 -15.94 9.75
C SER A 333 11.96 -15.09 8.72
N ARG A 334 11.21 -14.22 8.04
CA ARG A 334 11.87 -13.32 7.10
CA ARG A 334 11.82 -13.29 7.08
C ARG A 334 12.80 -12.34 7.77
N TYR A 335 12.43 -11.84 8.95
CA TYR A 335 13.34 -10.95 9.67
C TYR A 335 14.65 -11.65 9.98
N ARG A 336 14.60 -12.87 10.50
CA ARG A 336 15.82 -13.60 10.76
C ARG A 336 16.64 -13.82 9.48
N ASP A 337 15.97 -14.20 8.41
CA ASP A 337 16.65 -14.46 7.14
C ASP A 337 17.34 -13.19 6.61
N SER A 338 16.77 -12.02 6.89
CA SER A 338 17.27 -10.77 6.32
C SER A 338 18.64 -10.30 6.80
N GLY A 339 19.11 -10.78 7.95
CA GLY A 339 20.47 -10.48 8.40
C GLY A 339 20.67 -9.00 8.68
N VAL A 340 19.77 -8.43 9.48
CA VAL A 340 19.92 -7.08 10.01
C VAL A 340 19.25 -7.05 11.38
N ILE A 341 19.83 -6.28 12.30
CA ILE A 341 19.20 -6.02 13.59
C ILE A 341 18.62 -4.60 13.54
N LEU A 342 17.31 -4.51 13.76
CA LEU A 342 16.56 -3.28 13.57
C LEU A 342 16.16 -2.62 14.87
N THR A 343 16.34 -1.30 14.95
CA THR A 343 15.93 -0.50 16.11
C THR A 343 15.37 0.83 15.59
N GLN A 344 14.86 1.66 16.52
CA GLN A 344 14.54 3.04 16.16
CA GLN A 344 14.43 3.04 16.29
C GLN A 344 15.28 3.96 17.15
N ASP A 345 15.57 5.16 16.67
CA ASP A 345 16.28 6.14 17.50
C ASP A 345 15.27 6.82 18.40
N ALA A 346 15.55 6.82 19.70
CA ALA A 346 14.73 7.49 20.71
C ALA A 346 14.54 8.98 20.44
N ALA A 347 15.47 9.59 19.72
CA ALA A 347 15.38 11.03 19.46
C ALA A 347 14.31 11.40 18.43
N TRP A 348 13.91 10.45 17.59
CA TRP A 348 12.98 10.76 16.52
C TRP A 348 11.59 11.07 17.09
N PRO A 349 10.89 12.07 16.52
CA PRO A 349 9.54 12.36 16.99
C PRO A 349 8.62 11.15 16.81
N ILE A 350 7.72 10.98 17.75
CA ILE A 350 6.82 9.82 17.78
C ILE A 350 5.47 10.14 17.12
N SER A 351 4.66 9.10 16.99
CA SER A 351 3.29 9.23 16.50
C SER A 351 2.39 8.47 17.48
N ALA A 352 1.15 8.18 17.06
CA ALA A 352 0.28 7.28 17.82
C ALA A 352 0.45 5.81 17.43
N SER A 353 1.43 5.51 16.58
CA SER A 353 1.68 4.16 16.11
C SER A 353 3.10 3.75 16.49
N SER A 354 3.25 2.64 17.20
CA SER A 354 4.53 2.22 17.75
C SER A 354 5.64 2.11 16.69
N TRP A 355 5.25 1.73 15.48
CA TRP A 355 6.14 1.47 14.36
C TRP A 355 6.55 2.72 13.59
N LEU A 356 5.84 3.83 13.81
CA LEU A 356 5.95 5.01 12.97
C LEU A 356 6.60 6.16 13.74
N LYS A 357 7.83 6.46 13.37
CA LYS A 357 8.56 7.63 13.86
C LYS A 357 8.76 8.62 12.70
N VAL A 358 8.92 9.89 13.04
CA VAL A 358 9.02 10.93 12.02
C VAL A 358 10.47 11.13 11.61
N VAL A 359 10.80 10.71 10.39
CA VAL A 359 12.17 10.76 9.86
C VAL A 359 12.15 11.24 8.42
N PRO A 360 11.88 12.54 8.19
CA PRO A 360 11.55 12.97 6.83
C PRO A 360 12.69 12.80 5.82
N TRP A 361 13.92 13.02 6.26
CA TRP A 361 15.08 12.79 5.39
C TRP A 361 15.21 11.35 4.92
N GLY A 362 14.63 10.40 5.66
CA GLY A 362 14.61 9.02 5.20
C GLY A 362 13.83 8.85 3.91
N PHE A 363 12.85 9.70 3.66
CA PHE A 363 12.05 9.68 2.43
C PHE A 363 12.96 9.99 1.24
N ARG A 364 13.75 11.05 1.37
CA ARG A 364 14.67 11.43 0.31
C ARG A 364 15.69 10.30 0.07
N LYS A 365 16.24 9.72 1.14
CA LYS A 365 17.19 8.60 0.99
C LYS A 365 16.55 7.42 0.26
N GLU A 366 15.31 7.10 0.62
CA GLU A 366 14.63 5.98 -0.02
C GLU A 366 14.41 6.25 -1.50
N LEU A 367 13.97 7.46 -1.85
CA LEU A 367 13.73 7.81 -3.24
C LEU A 367 15.00 7.71 -4.06
N ASN A 368 16.13 8.12 -3.49
CA ASN A 368 17.43 7.93 -4.16
C ASN A 368 17.84 6.47 -4.31
N TRP A 369 17.58 5.65 -3.28
CA TRP A 369 17.88 4.22 -3.37
C TRP A 369 17.12 3.59 -4.53
N ILE A 370 15.83 3.91 -4.64
CA ILE A 370 14.95 3.44 -5.71
C ILE A 370 15.46 3.91 -7.06
N LYS A 371 15.79 5.19 -7.17
CA LYS A 371 16.30 5.74 -8.42
C LYS A 371 17.51 4.95 -8.92
N ASN A 372 18.44 4.68 -8.01
CA ASN A 372 19.67 4.00 -8.39
C ASN A 372 19.49 2.50 -8.67
N GLU A 373 18.63 1.84 -7.91
CA GLU A 373 18.46 0.39 -8.06
C GLU A 373 17.63 0.07 -9.30
N TYR A 374 16.63 0.88 -9.62
CA TYR A 374 15.63 0.56 -10.64
C TYR A 374 15.68 1.47 -11.86
N ASN A 375 16.77 2.23 -11.98
CA ASN A 375 16.98 3.10 -13.14
C ASN A 375 15.90 4.17 -13.29
N ASN A 376 15.63 4.84 -12.16
CA ASN A 376 14.74 5.99 -12.15
C ASN A 376 13.37 5.77 -12.77
N PRO A 377 12.63 4.75 -12.28
CA PRO A 377 11.29 4.57 -12.79
C PRO A 377 10.38 5.75 -12.39
N PRO A 378 9.31 6.02 -13.14
CA PRO A 378 8.32 6.97 -12.65
C PRO A 378 7.74 6.47 -11.33
N VAL A 379 7.76 7.31 -10.30
CA VAL A 379 7.34 6.92 -8.96
C VAL A 379 6.12 7.76 -8.58
N PHE A 380 5.04 7.11 -8.18
CA PHE A 380 3.84 7.78 -7.68
C PHE A 380 3.76 7.43 -6.20
N ILE A 381 3.80 8.44 -5.32
CA ILE A 381 3.69 8.20 -3.89
C ILE A 381 2.22 7.96 -3.58
N THR A 382 1.89 6.69 -3.35
CA THR A 382 0.49 6.31 -3.17
C THR A 382 0.03 6.39 -1.72
N GLU A 383 0.96 6.42 -0.77
CA GLU A 383 0.63 6.65 0.64
C GLU A 383 1.79 7.38 1.29
N ASN A 384 1.46 8.32 2.16
CA ASN A 384 2.39 8.96 3.09
C ASN A 384 1.52 9.65 4.13
N GLY A 385 1.77 9.44 5.42
CA GLY A 385 0.91 10.06 6.44
C GLY A 385 1.32 9.67 7.84
N PHE A 386 0.53 10.14 8.80
CA PHE A 386 0.95 10.25 10.20
C PHE A 386 -0.24 10.00 11.13
N SER A 387 0.01 9.34 12.26
CA SER A 387 -1.08 9.07 13.20
C SER A 387 -1.00 9.92 14.47
N ASP A 388 -2.19 10.24 14.96
CA ASP A 388 -2.37 10.79 16.30
C ASP A 388 -3.60 10.12 16.91
N TYR A 389 -3.96 10.50 18.13
CA TYR A 389 -5.10 9.89 18.80
C TYR A 389 -6.40 10.67 18.62
N GLY A 390 -6.33 11.81 17.95
CA GLY A 390 -7.51 12.66 17.77
C GLY A 390 -7.10 14.12 17.76
N GLY A 391 -8.06 15.00 17.45
CA GLY A 391 -7.82 16.44 17.45
C GLY A 391 -7.80 17.06 16.06
N LEU A 392 -8.34 18.27 15.96
CA LEU A 392 -8.37 19.03 14.72
C LEU A 392 -7.16 19.92 14.55
N ASN A 393 -6.53 20.31 15.65
CA ASN A 393 -5.36 21.17 15.55
C ASN A 393 -4.13 20.28 15.50
N ASP A 394 -3.99 19.58 14.37
CA ASP A 394 -3.06 18.48 14.25
C ASP A 394 -1.68 18.93 13.79
N THR A 395 -1.02 19.70 14.65
CA THR A 395 0.28 20.28 14.35
CA THR A 395 0.27 20.29 14.31
C THR A 395 1.32 19.24 13.93
N GLY A 396 1.32 18.09 14.61
CA GLY A 396 2.23 17.01 14.28
C GLY A 396 2.05 16.52 12.86
N ARG A 397 0.80 16.36 12.45
CA ARG A 397 0.49 15.93 11.09
C ARG A 397 0.87 17.01 10.06
N VAL A 398 0.57 18.27 10.37
CA VAL A 398 0.97 19.37 9.49
C VAL A 398 2.48 19.36 9.25
N HIS A 399 3.26 19.24 10.32
CA HIS A 399 4.72 19.16 10.25
C HIS A 399 5.16 17.94 9.45
N TYR A 400 4.51 16.81 9.69
CA TYR A 400 4.84 15.59 8.96
C TYR A 400 4.69 15.84 7.45
N TYR A 401 3.56 16.39 7.03
CA TYR A 401 3.33 16.59 5.61
C TYR A 401 4.26 17.63 5.01
N THR A 402 4.41 18.78 5.66
CA THR A 402 5.27 19.82 5.08
C THR A 402 6.72 19.34 4.98
N GLU A 403 7.24 18.63 5.98
CA GLU A 403 8.59 18.12 5.90
C GLU A 403 8.73 17.04 4.84
N HIS A 404 7.82 16.06 4.79
CA HIS A 404 7.93 15.01 3.78
C HIS A 404 7.83 15.55 2.37
N LEU A 405 6.93 16.51 2.17
CA LEU A 405 6.80 17.11 0.85
C LEU A 405 8.04 17.92 0.46
N LYS A 406 8.64 18.62 1.42
CA LYS A 406 9.91 19.29 1.14
C LYS A 406 11.02 18.31 0.74
N GLU A 407 11.12 17.19 1.44
CA GLU A 407 12.13 16.17 1.14
C GLU A 407 11.90 15.54 -0.23
N MET A 408 10.64 15.29 -0.56
CA MET A 408 10.28 14.78 -1.88
C MET A 408 10.64 15.79 -2.98
N LEU A 409 10.37 17.07 -2.73
CA LEU A 409 10.69 18.09 -3.72
C LEU A 409 12.20 18.23 -3.91
N LYS A 410 12.99 18.05 -2.86
CA LYS A 410 14.43 17.99 -3.01
C LYS A 410 14.83 16.78 -3.86
N ALA A 411 14.22 15.62 -3.61
CA ALA A 411 14.50 14.44 -4.43
C ALA A 411 14.23 14.72 -5.90
N ILE A 412 13.14 15.42 -6.19
CA ILE A 412 12.78 15.74 -7.58
C ILE A 412 13.77 16.75 -8.17
N HIS A 413 13.91 17.89 -7.51
CA HIS A 413 14.63 19.02 -8.10
C HIS A 413 16.14 18.93 -7.97
N GLU A 414 16.62 18.52 -6.80
CA GLU A 414 18.05 18.38 -6.56
C GLU A 414 18.65 17.06 -7.02
N ASP A 415 17.87 15.99 -6.89
CA ASP A 415 18.42 14.64 -7.11
C ASP A 415 17.95 13.98 -8.41
N GLY A 416 17.03 14.62 -9.12
CA GLY A 416 16.58 14.09 -10.40
C GLY A 416 15.68 12.86 -10.32
N VAL A 417 15.03 12.63 -9.19
CA VAL A 417 14.13 11.47 -9.06
C VAL A 417 12.80 11.75 -9.77
N ASN A 418 12.35 10.83 -10.62
CA ASN A 418 11.13 11.06 -11.39
C ASN A 418 9.85 10.73 -10.60
N VAL A 419 9.57 11.53 -9.59
CA VAL A 419 8.33 11.41 -8.85
C VAL A 419 7.23 12.15 -9.61
N ILE A 420 6.11 11.46 -9.88
CA ILE A 420 5.06 11.98 -10.75
C ILE A 420 3.74 12.30 -10.04
N GLY A 421 3.60 11.86 -8.80
CA GLY A 421 2.37 12.15 -8.07
C GLY A 421 2.48 11.78 -6.61
N TYR A 422 1.48 12.20 -5.83
CA TYR A 422 1.47 12.00 -4.39
C TYR A 422 0.02 12.05 -3.89
N THR A 423 -0.42 10.98 -3.24
CA THR A 423 -1.71 10.94 -2.55
C THR A 423 -1.49 10.73 -1.05
N ALA A 424 -1.89 11.73 -0.26
CA ALA A 424 -1.81 11.68 1.20
C ALA A 424 -2.64 10.53 1.77
N TRP A 425 -2.04 9.80 2.72
CA TRP A 425 -2.75 8.77 3.49
C TRP A 425 -3.12 9.36 4.84
N SER A 426 -4.40 9.53 5.19
CA SER A 426 -5.58 9.17 4.42
C SER A 426 -6.52 10.37 4.33
N LEU A 427 -7.42 10.34 3.36
CA LEU A 427 -8.44 11.37 3.26
C LEU A 427 -9.17 11.61 4.58
N MET A 428 -9.53 10.52 5.26
CA MET A 428 -10.25 10.63 6.52
CA MET A 428 -10.22 10.64 6.54
C MET A 428 -9.83 9.55 7.52
N ASP A 429 -10.07 9.83 8.80
CA ASP A 429 -9.89 8.82 9.83
C ASP A 429 -10.73 7.62 9.45
N ASN A 430 -10.23 6.43 9.73
CA ASN A 430 -10.88 5.22 9.23
C ASN A 430 -10.54 4.04 10.13
N PHE A 431 -10.95 2.83 9.75
CA PHE A 431 -10.60 1.63 10.48
C PHE A 431 -9.14 1.27 10.27
N GLU A 432 -8.33 1.46 11.30
CA GLU A 432 -6.89 1.22 11.24
C GLU A 432 -6.54 -0.23 11.59
N TRP A 433 -7.11 -1.16 10.83
CA TRP A 433 -6.74 -2.57 10.93
C TRP A 433 -6.80 -3.05 12.38
N LEU A 434 -5.75 -3.73 12.86
CA LEU A 434 -5.77 -4.27 14.23
C LEU A 434 -5.85 -3.18 15.31
N ARG A 435 -5.61 -1.94 14.92
CA ARG A 435 -5.71 -0.82 15.87
C ARG A 435 -7.11 -0.23 15.94
N GLY A 436 -8.06 -0.78 15.18
CA GLY A 436 -9.43 -0.29 15.23
C GLY A 436 -9.52 1.20 14.93
N TYR A 437 -10.35 1.89 15.70
CA TYR A 437 -10.51 3.33 15.54
C TYR A 437 -9.63 4.13 16.50
N SER A 438 -8.64 3.47 17.11
CA SER A 438 -7.81 4.11 18.15
C SER A 438 -6.73 5.01 17.57
N GLU A 439 -6.27 4.72 16.36
CA GLU A 439 -5.25 5.52 15.70
C GLU A 439 -5.86 6.27 14.51
N LYS A 440 -5.52 7.55 14.41
CA LYS A 440 -6.14 8.45 13.44
C LYS A 440 -5.09 8.84 12.40
N PHE A 441 -5.34 8.52 11.14
CA PHE A 441 -4.46 8.89 10.03
C PHE A 441 -5.08 9.93 9.11
N GLY A 442 -6.32 10.37 9.36
CA GLY A 442 -7.00 11.27 8.43
C GLY A 442 -6.51 12.71 8.42
N ILE A 443 -6.70 13.35 7.28
CA ILE A 443 -6.66 14.82 7.22
C ILE A 443 -8.05 15.43 7.47
N TYR A 444 -9.09 14.62 7.32
CA TYR A 444 -10.44 14.90 7.82
C TYR A 444 -10.75 14.00 9.02
N ALA A 445 -11.33 14.59 10.06
CA ALA A 445 -11.79 13.85 11.23
C ALA A 445 -13.17 13.28 10.95
N VAL A 446 -13.45 12.13 11.53
CA VAL A 446 -14.75 11.48 11.44
C VAL A 446 -15.24 11.08 12.82
N ASP A 447 -16.47 11.44 13.15
CA ASP A 447 -17.07 11.07 14.43
C ASP A 447 -17.73 9.70 14.32
N PHE A 448 -17.05 8.68 14.84
CA PHE A 448 -17.52 7.30 14.73
C PHE A 448 -18.65 6.97 15.71
N GLU A 449 -19.04 7.95 16.52
CA GLU A 449 -20.16 7.80 17.43
C GLU A 449 -21.43 8.41 16.85
N ASP A 450 -21.29 9.09 15.72
CA ASP A 450 -22.38 9.79 15.05
C ASP A 450 -22.76 8.98 13.83
N PRO A 451 -24.01 8.45 13.77
CA PRO A 451 -24.39 7.59 12.65
C PRO A 451 -24.22 8.23 11.27
N ALA A 452 -24.24 9.56 11.23
CA ALA A 452 -24.05 10.29 9.98
C ALA A 452 -22.58 10.38 9.54
N ARG A 453 -21.65 9.96 10.41
CA ARG A 453 -20.21 9.99 10.12
C ARG A 453 -19.77 11.29 9.43
N PRO A 454 -20.02 12.46 10.04
CA PRO A 454 -19.60 13.69 9.38
C PRO A 454 -18.07 13.77 9.25
N ARG A 455 -17.61 14.28 8.11
CA ARG A 455 -16.19 14.51 7.87
C ARG A 455 -15.91 15.99 8.08
N ILE A 456 -14.92 16.32 8.90
CA ILE A 456 -14.60 17.72 9.15
C ILE A 456 -13.10 17.97 9.01
N PRO A 457 -12.72 19.09 8.38
CA PRO A 457 -11.31 19.26 8.06
C PRO A 457 -10.46 19.55 9.28
N LYS A 458 -9.32 18.88 9.38
CA LYS A 458 -8.29 19.23 10.36
C LYS A 458 -7.41 20.36 9.79
N GLU A 459 -6.55 20.93 10.63
CA GLU A 459 -5.57 21.88 10.13
C GLU A 459 -4.74 21.31 8.97
N SER A 460 -4.38 20.02 9.03
CA SER A 460 -3.64 19.41 7.93
C SER A 460 -4.38 19.48 6.60
N ALA A 461 -5.71 19.29 6.63
CA ALA A 461 -6.49 19.42 5.40
C ALA A 461 -6.42 20.84 4.83
N LYS A 462 -6.43 21.83 5.72
CA LYS A 462 -6.39 23.23 5.29
C LYS A 462 -5.01 23.56 4.70
N VAL A 463 -3.97 23.05 5.34
CA VAL A 463 -2.61 23.25 4.84
C VAL A 463 -2.39 22.52 3.51
N LEU A 464 -2.87 21.28 3.40
CA LEU A 464 -2.74 20.55 2.14
C LEU A 464 -3.55 21.23 1.03
N ALA A 465 -4.73 21.77 1.34
CA ALA A 465 -5.50 22.53 0.34
C ALA A 465 -4.71 23.73 -0.16
N GLU A 466 -4.05 24.43 0.76
CA GLU A 466 -3.21 25.57 0.41
C GLU A 466 -2.07 25.15 -0.52
N ILE A 467 -1.41 24.05 -0.19
CA ILE A 467 -0.36 23.50 -1.04
C ILE A 467 -0.90 23.13 -2.43
N MET A 468 -2.04 22.44 -2.46
CA MET A 468 -2.62 22.05 -3.74
C MET A 468 -3.06 23.24 -4.58
N ASN A 469 -3.55 24.30 -3.92
CA ASN A 469 -4.02 25.47 -4.64
C ASN A 469 -2.86 26.31 -5.19
N THR A 470 -1.85 26.52 -4.36
CA THR A 470 -0.71 27.34 -4.72
C THR A 470 0.37 26.61 -5.49
N ARG A 471 0.35 25.27 -5.40
CA ARG A 471 1.34 24.41 -6.06
C ARG A 471 2.76 24.62 -5.52
N LYS A 472 2.85 25.09 -4.29
CA LYS A 472 4.15 25.33 -3.65
C LYS A 472 4.06 25.06 -2.16
N ILE A 473 5.22 24.85 -1.51
CA ILE A 473 5.28 24.88 -0.06
C ILE A 473 5.19 26.33 0.44
N PRO A 474 4.18 26.68 1.24
CA PRO A 474 4.10 28.06 1.73
C PRO A 474 5.35 28.50 2.48
N GLU A 475 5.65 29.79 2.36
CA GLU A 475 6.86 30.37 2.92
C GLU A 475 7.06 30.03 4.39
N ARG A 476 5.98 30.02 5.17
CA ARG A 476 6.12 29.81 6.62
C ARG A 476 6.60 28.42 7.01
N PHE A 477 6.59 27.49 6.05
CA PHE A 477 7.05 26.12 6.31
C PHE A 477 8.43 25.83 5.72
N ARG A 478 9.02 26.82 5.06
CA ARG A 478 10.33 26.62 4.44
C ARG A 478 11.44 26.71 5.48
N ASP A 479 12.57 26.07 5.20
CA ASP A 479 13.71 26.08 6.12
C ASP A 479 14.20 27.50 6.39
C2 BGC B . 4.77 -1.65 10.18
C3 BGC B . 3.53 -1.70 9.30
C4 BGC B . 3.58 -0.63 8.20
C5 BGC B . 4.92 -0.67 7.47
C6 BGC B . 5.11 0.42 6.42
C1 BGC B . 6.04 -1.66 9.32
O1 BGC B . 7.26 -1.52 10.07
O2 BGC B . 4.82 -2.78 11.06
O3 BGC B . 2.37 -1.49 10.10
O4 BGC B . 2.55 -0.99 7.28
O5 BGC B . 6.02 -0.59 8.39
O6 BGC B . 6.30 0.24 5.65
C2 BGC B . 1.21 -0.41 5.40
C3 BGC B . 0.35 0.69 4.80
C4 BGC B . -0.71 1.07 5.83
C5 BGC B . -0.03 1.52 7.12
C6 BGC B . -0.93 1.94 8.26
C1 BGC B . 1.80 0.07 6.72
O2 BGC B . 2.25 -0.75 4.50
O3 BGC B . -0.17 0.25 3.53
O4 BGC B . -1.59 2.07 5.32
O5 BGC B . 0.75 0.43 7.61
O6 BGC B . -1.94 0.94 8.37
C1 EDO C . 2.52 3.67 20.67
O1 EDO C . 2.83 3.09 21.95
C2 EDO C . 3.00 5.12 20.61
O2 EDO C . 4.29 5.16 19.95
NA NA D . -18.72 -8.18 -16.00
CL CL E . 3.38 33.78 5.89
#